data_3FO8
#
_entry.id   3FO8
#
_cell.length_a   203.665
_cell.length_b   203.665
_cell.length_c   203.665
_cell.angle_alpha   90.00
_cell.angle_beta   90.00
_cell.angle_gamma   90.00
#
_symmetry.space_group_name_H-M   'F 4 3 2'
#
loop_
_entity.id
_entity.type
_entity.pdbx_description
1 polymer 'Tail sheath protein Gp18'
2 non-polymer 'ACETATE ION'
3 water water
#
_entity_poly.entity_id   1
_entity_poly.type   'polypeptide(L)'
_entity_poly.pdbx_seq_one_letter_code
;AVDRDTAKNSSPIAGNIEYTISTPGSNYAVGDKITVKYVSDDIETEGKITEVDADGKIKKINIPTAKIIAKAKEVGEYPT
LGSNWTAEISSSSSGLAAVITLGKIITDSGILLAEIENAEAAMTAVDFQANLKKYGIPGVVALYPGELGDKIEIEIVSKA
DYAKGASALLPIYPGGGTRASTAKAVFGYGPQTDSQYAIIVRRNDAIVQSVVLSTKRGGKDIYDSNIYIDDFFAKGGSEY
IFATAQNWPEGFSGILTLSGGLSSNAEVTAGDLMEAWDFFADR
;
_entity_poly.pdbx_strand_id   D
#
loop_
_chem_comp.id
_chem_comp.type
_chem_comp.name
_chem_comp.formula
ACT non-polymer 'ACETATE ION' 'C2 H3 O2 -1'
#
# COMPACT_ATOMS: atom_id res chain seq x y z
N ASP A 5 5.96 4.36 -24.68
CA ASP A 5 6.96 4.53 -23.61
C ASP A 5 7.16 3.23 -22.82
N THR A 6 6.99 3.31 -21.50
CA THR A 6 7.17 2.15 -20.63
C THR A 6 5.85 1.76 -19.95
N ALA A 7 5.48 0.48 -20.01
CA ALA A 7 4.26 0.04 -19.33
C ALA A 7 4.53 -0.26 -17.87
N LYS A 8 3.57 0.10 -17.01
CA LYS A 8 3.65 -0.20 -15.58
C LYS A 8 2.24 -0.44 -15.06
N ASN A 9 2.10 -1.34 -14.11
CA ASN A 9 0.84 -1.57 -13.44
C ASN A 9 0.80 -0.75 -12.16
N SER A 10 -0.33 -0.12 -11.89
CA SER A 10 -0.48 0.69 -10.69
C SER A 10 -0.25 -0.19 -9.47
N SER A 11 0.46 0.33 -8.47
CA SER A 11 0.81 -0.45 -7.28
C SER A 11 0.75 0.44 -6.05
N PRO A 12 0.87 -0.17 -4.85
CA PRO A 12 0.84 0.64 -3.63
C PRO A 12 2.20 1.21 -3.28
N ILE A 13 3.23 0.90 -4.08
CA ILE A 13 4.57 1.38 -3.78
C ILE A 13 4.76 2.82 -4.24
N ALA A 14 4.31 3.13 -5.46
CA ALA A 14 4.42 4.49 -5.95
C ALA A 14 3.65 5.41 -5.02
N GLY A 15 4.20 6.59 -4.77
CA GLY A 15 3.55 7.55 -3.90
C GLY A 15 4.15 7.58 -2.51
N ASN A 16 4.93 6.56 -2.18
CA ASN A 16 5.66 6.54 -0.92
C ASN A 16 6.89 7.44 -1.00
N ILE A 17 7.45 7.78 0.16
CA ILE A 17 8.68 8.55 0.19
C ILE A 17 9.84 7.62 0.51
N GLU A 18 10.90 7.70 -0.28
CA GLU A 18 12.09 6.93 0.02
C GLU A 18 12.65 7.34 1.36
N TYR A 19 13.13 6.36 2.12
CA TYR A 19 13.78 6.65 3.37
C TYR A 19 14.92 5.68 3.58
N THR A 20 15.93 6.12 4.31
CA THR A 20 17.00 5.24 4.76
C THR A 20 17.19 5.44 6.25
N ILE A 21 17.30 4.34 6.99
CA ILE A 21 17.62 4.44 8.41
C ILE A 21 19.13 4.48 8.50
N SER A 22 19.69 5.68 8.34
CA SER A 22 21.14 5.89 8.30
C SER A 22 21.78 5.39 9.59
N THR A 23 21.10 5.65 10.71
CA THR A 23 21.59 5.21 12.01
C THR A 23 20.38 4.75 12.79
N PRO A 24 20.36 3.50 13.23
CA PRO A 24 19.15 2.96 13.87
C PRO A 24 18.93 3.47 15.29
N GLY A 25 20.01 3.87 15.96
CA GLY A 25 19.90 4.33 17.34
C GLY A 25 19.41 3.21 18.25
N SER A 26 18.74 3.56 19.33
CA SER A 26 18.26 2.54 20.26
C SER A 26 17.16 3.05 21.19
N ASN A 27 16.46 2.10 21.81
CA ASN A 27 15.41 2.41 22.77
C ASN A 27 14.17 3.08 22.18
N TYR A 28 14.00 2.97 20.85
CA TYR A 28 12.78 3.45 20.20
C TYR A 28 11.68 2.42 20.35
N ALA A 29 10.44 2.84 20.11
CA ALA A 29 9.29 1.94 20.21
C ALA A 29 8.37 2.10 19.01
N VAL A 30 7.73 1.00 18.61
CA VAL A 30 6.70 1.07 17.58
C VAL A 30 5.63 2.08 18.00
N GLY A 31 5.20 2.92 17.08
CA GLY A 31 4.23 3.94 17.40
C GLY A 31 4.80 5.32 17.71
N ASP A 32 6.10 5.39 18.00
CA ASP A 32 6.74 6.70 18.17
C ASP A 32 6.50 7.53 16.91
N LYS A 33 6.15 8.80 17.08
CA LYS A 33 5.77 9.61 15.92
C LYS A 33 6.96 10.22 15.19
N ILE A 34 6.78 10.47 13.91
CA ILE A 34 7.81 11.06 13.07
C ILE A 34 7.27 12.32 12.39
N THR A 35 8.07 13.38 12.42
CA THR A 35 7.70 14.63 11.77
C THR A 35 8.59 14.91 10.58
N VAL A 36 7.98 15.28 9.45
CA VAL A 36 8.73 15.72 8.27
C VAL A 36 8.51 17.22 8.18
N LYS A 37 9.60 17.96 8.03
CA LYS A 37 9.54 19.40 7.94
C LYS A 37 10.07 19.87 6.59
N TYR A 38 9.57 21.02 6.15
CA TYR A 38 10.06 21.68 4.96
C TYR A 38 10.61 23.04 5.37
N VAL A 39 11.90 23.24 5.11
CA VAL A 39 12.60 24.45 5.55
C VAL A 39 12.26 24.69 7.02
N SER A 40 12.35 23.61 7.80
CA SER A 40 12.20 23.65 9.26
C SER A 40 10.79 23.95 9.77
N ASP A 41 9.79 23.93 8.89
CA ASP A 41 8.39 24.04 9.29
C ASP A 41 7.66 22.70 9.16
N ASP A 42 6.86 22.32 10.17
CA ASP A 42 6.14 21.04 10.11
C ASP A 42 5.27 20.93 8.85
N ILE A 43 5.40 19.81 8.14
CA ILE A 43 4.47 19.53 7.03
C ILE A 43 3.61 18.30 7.35
N GLU A 44 4.24 17.23 7.83
CA GLU A 44 3.54 15.99 8.17
C GLU A 44 3.97 15.53 9.56
N THR A 45 3.01 15.34 10.47
CA THR A 45 3.36 14.96 11.83
C THR A 45 2.91 13.55 12.21
N GLU A 46 2.30 12.83 11.26
CA GLU A 46 1.75 11.51 11.58
C GLU A 46 2.53 10.33 11.02
N GLY A 47 3.80 10.54 10.70
CA GLY A 47 4.66 9.40 10.43
C GLY A 47 4.80 8.59 11.70
N LYS A 48 5.29 7.36 11.57
CA LYS A 48 5.55 6.57 12.77
C LYS A 48 6.55 5.47 12.55
N ILE A 49 7.22 5.09 13.64
CA ILE A 49 8.10 3.92 13.65
C ILE A 49 7.24 2.66 13.64
N THR A 50 7.52 1.74 12.71
CA THR A 50 6.67 0.56 12.57
C THR A 50 7.33 -0.75 12.98
N GLU A 51 8.65 -0.76 13.07
CA GLU A 51 9.37 -1.95 13.53
C GLU A 51 10.65 -1.54 14.22
N VAL A 52 10.92 -2.18 15.35
CA VAL A 52 12.18 -2.03 16.06
C VAL A 52 12.68 -3.42 16.44
N ASP A 53 13.95 -3.52 16.80
CA ASP A 53 14.45 -4.80 17.30
C ASP A 53 14.38 -4.81 18.83
N ALA A 54 14.94 -5.84 19.44
CA ALA A 54 14.81 -6.02 20.88
C ALA A 54 15.45 -4.88 21.66
N ASP A 55 16.46 -4.24 21.06
CA ASP A 55 17.18 -3.15 21.71
C ASP A 55 16.62 -1.78 21.34
N GLY A 56 15.49 -1.76 20.64
CA GLY A 56 14.86 -0.52 20.24
C GLY A 56 15.50 0.16 19.04
N LYS A 57 16.33 -0.57 18.29
CA LYS A 57 16.89 -0.03 17.06
C LYS A 57 15.79 0.09 16.02
N ILE A 58 15.76 1.21 15.29
CA ILE A 58 14.71 1.44 14.29
C ILE A 58 14.96 0.57 13.07
N LYS A 59 13.95 -0.23 12.68
CA LYS A 59 14.06 -1.13 11.54
C LYS A 59 13.24 -0.65 10.35
N LYS A 60 12.00 -0.22 10.62
CA LYS A 60 11.09 0.26 9.59
C LYS A 60 10.26 1.43 10.10
N ILE A 61 9.87 2.31 9.19
CA ILE A 61 9.01 3.43 9.52
C ILE A 61 7.96 3.59 8.43
N ASN A 62 6.94 4.38 8.70
CA ASN A 62 6.03 4.75 7.65
CA ASN A 62 5.93 4.72 7.73
C ASN A 62 5.67 6.22 7.75
N ILE A 63 5.77 6.89 6.60
CA ILE A 63 5.50 8.31 6.52
C ILE A 63 4.41 8.56 5.49
N PRO A 64 3.25 9.08 5.94
CA PRO A 64 2.18 9.43 5.01
C PRO A 64 2.66 10.53 4.08
N THR A 65 2.18 10.55 2.84
CA THR A 65 2.74 11.50 1.87
C THR A 65 1.80 12.53 1.26
N ALA A 66 0.50 12.51 1.58
CA ALA A 66 -0.41 13.47 0.94
C ALA A 66 0.02 14.94 1.14
N LYS A 67 0.31 15.33 2.38
CA LYS A 67 0.68 16.73 2.64
C LYS A 67 2.06 17.07 2.08
N ILE A 68 3.00 16.12 2.19
CA ILE A 68 4.34 16.31 1.65
C ILE A 68 4.26 16.53 0.14
N ILE A 69 3.49 15.70 -0.56
CA ILE A 69 3.39 15.80 -2.02
C ILE A 69 2.73 17.11 -2.42
N ALA A 70 1.67 17.50 -1.72
CA ALA A 70 0.95 18.71 -2.04
C ALA A 70 1.89 19.91 -1.94
N LYS A 71 2.67 19.96 -0.87
CA LYS A 71 3.61 21.06 -0.63
C LYS A 71 4.73 21.05 -1.66
N ALA A 72 5.30 19.87 -1.91
CA ALA A 72 6.39 19.73 -2.88
C ALA A 72 5.97 20.27 -4.24
N LYS A 73 4.76 19.95 -4.67
CA LYS A 73 4.27 20.47 -5.96
C LYS A 73 4.18 22.00 -5.97
N GLU A 74 3.77 22.56 -4.84
N GLU A 74 3.77 22.56 -4.85
CA GLU A 74 3.60 24.00 -4.70
CA GLU A 74 3.60 24.01 -4.75
C GLU A 74 4.93 24.73 -4.85
C GLU A 74 4.94 24.73 -4.86
N VAL A 75 5.97 24.15 -4.26
CA VAL A 75 7.29 24.80 -4.22
C VAL A 75 8.24 24.33 -5.32
N GLY A 76 7.77 23.45 -6.20
CA GLY A 76 8.58 23.02 -7.33
C GLY A 76 9.64 21.98 -6.98
N GLU A 77 9.37 21.18 -5.96
CA GLU A 77 10.32 20.13 -5.56
C GLU A 77 9.71 18.72 -5.66
N TYR A 78 8.69 18.57 -6.50
CA TYR A 78 8.10 17.25 -6.72
C TYR A 78 8.60 16.63 -8.03
N PRO A 79 9.01 15.37 -7.98
CA PRO A 79 8.94 14.58 -6.75
C PRO A 79 10.33 14.34 -6.19
N THR A 80 11.31 15.13 -6.64
CA THR A 80 12.69 14.94 -6.20
C THR A 80 12.83 15.15 -4.70
N LEU A 81 12.08 16.11 -4.17
CA LEU A 81 12.38 16.68 -2.87
C LEU A 81 13.83 17.12 -2.77
N GLY A 82 14.47 16.83 -1.64
CA GLY A 82 15.86 17.21 -1.43
C GLY A 82 16.08 17.85 -0.07
N SER A 83 17.08 18.73 0.00
CA SER A 83 17.70 19.06 1.27
C SER A 83 16.90 20.06 2.10
N ASN A 84 15.83 20.59 1.51
CA ASN A 84 14.84 21.38 2.23
C ASN A 84 14.00 20.53 3.18
N TRP A 85 13.99 19.22 2.94
CA TRP A 85 13.13 18.31 3.70
C TRP A 85 13.93 17.53 4.74
N THR A 86 13.35 17.40 5.94
CA THR A 86 14.01 16.68 7.02
C THR A 86 13.01 15.77 7.73
N ALA A 87 13.51 14.69 8.31
CA ALA A 87 12.68 13.80 9.12
C ALA A 87 13.28 13.70 10.52
N GLU A 88 12.43 13.65 11.52
CA GLU A 88 12.89 13.49 12.90
C GLU A 88 11.88 12.67 13.70
N ILE A 89 12.36 12.00 14.74
CA ILE A 89 11.46 11.29 15.64
C ILE A 89 11.02 12.22 16.76
N SER A 90 9.74 12.19 17.07
CA SER A 90 9.17 13.03 18.13
C SER A 90 10.04 13.06 19.39
N SER A 91 10.15 14.25 19.98
CA SER A 91 10.97 14.45 21.17
C SER A 91 10.47 13.68 22.39
N SER A 92 9.22 13.23 22.35
CA SER A 92 8.67 12.47 23.46
C SER A 92 9.15 11.01 23.50
N SER A 93 9.68 10.52 22.39
CA SER A 93 10.16 9.14 22.32
C SER A 93 11.23 8.83 23.37
N SER A 94 11.32 7.56 23.80
CA SER A 94 12.38 7.13 24.69
C SER A 94 13.71 6.94 23.96
N GLY A 95 13.66 6.87 22.64
CA GLY A 95 14.83 6.49 21.88
C GLY A 95 15.82 7.63 21.70
N LEU A 96 16.99 7.31 21.18
CA LEU A 96 17.98 8.34 20.90
C LEU A 96 18.92 7.91 19.81
N ALA A 97 19.49 8.91 19.12
CA ALA A 97 20.62 8.72 18.22
C ALA A 97 20.28 8.30 16.79
N ALA A 98 19.02 7.93 16.53
CA ALA A 98 18.66 7.55 15.18
C ALA A 98 18.79 8.69 14.18
N VAL A 99 19.11 8.34 12.94
CA VAL A 99 19.13 9.30 11.85
C VAL A 99 18.33 8.75 10.70
N ILE A 100 17.35 9.53 10.26
CA ILE A 100 16.54 9.13 9.11
C ILE A 100 16.82 10.07 7.96
N THR A 101 17.20 9.51 6.83
CA THR A 101 17.52 10.30 5.65
C THR A 101 16.44 10.09 4.61
N LEU A 102 15.84 11.18 4.15
CA LEU A 102 14.75 11.12 3.18
C LEU A 102 15.28 11.14 1.77
N GLY A 103 14.55 10.50 0.86
CA GLY A 103 14.86 10.53 -0.55
C GLY A 103 13.74 11.21 -1.33
N LYS A 104 13.42 10.67 -2.50
CA LYS A 104 12.41 11.26 -3.36
C LYS A 104 11.04 10.63 -3.11
N ILE A 105 10.01 11.20 -3.72
CA ILE A 105 8.72 10.53 -3.80
C ILE A 105 8.84 9.52 -4.93
N ILE A 106 8.47 8.28 -4.66
CA ILE A 106 8.57 7.20 -5.63
C ILE A 106 7.49 7.33 -6.68
N THR A 107 7.90 7.29 -7.96
CA THR A 107 6.93 7.39 -9.05
C THR A 107 6.86 6.07 -9.83
N ASP A 108 7.86 5.21 -9.63
CA ASP A 108 7.92 3.90 -10.29
C ASP A 108 7.06 2.90 -9.51
N SER A 109 6.04 2.33 -10.15
CA SER A 109 5.17 1.39 -9.45
C SER A 109 5.93 0.12 -9.09
N GLY A 110 7.00 -0.15 -9.83
CA GLY A 110 7.87 -1.28 -9.56
C GLY A 110 7.39 -2.60 -10.15
N ILE A 111 6.31 -2.57 -10.91
CA ILE A 111 5.75 -3.81 -11.43
C ILE A 111 5.03 -3.68 -12.78
N LEU A 112 5.21 -4.68 -13.63
CA LEU A 112 4.50 -4.80 -14.90
C LEU A 112 4.03 -6.23 -15.08
N LEU A 113 2.74 -6.41 -15.32
CA LEU A 113 2.19 -7.74 -15.56
C LEU A 113 1.83 -7.87 -17.03
N ALA A 114 2.05 -9.06 -17.58
CA ALA A 114 1.79 -9.32 -18.99
C ALA A 114 0.70 -10.37 -19.18
N GLU A 115 1.06 -11.63 -19.01
CA GLU A 115 0.09 -12.72 -19.07
C GLU A 115 0.04 -13.24 -17.62
N ILE A 116 -1.25 -13.51 -17.30
CA ILE A 116 -1.41 -13.83 -15.88
C ILE A 116 -0.73 -15.15 -15.51
N GLU A 117 -0.28 -15.88 -16.52
CA GLU A 117 0.43 -17.13 -16.30
C GLU A 117 1.87 -16.89 -15.83
N ASN A 118 2.37 -15.67 -16.05
CA ASN A 118 3.71 -15.29 -15.60
C ASN A 118 3.67 -14.22 -14.51
N ALA A 119 2.46 -13.86 -14.08
CA ALA A 119 2.29 -12.75 -13.13
C ALA A 119 2.85 -13.07 -11.74
N GLU A 120 2.71 -14.32 -11.30
CA GLU A 120 3.20 -14.68 -9.97
C GLU A 120 4.71 -14.47 -9.88
N ALA A 121 5.43 -14.79 -10.95
CA ALA A 121 6.86 -14.53 -11.02
C ALA A 121 7.18 -13.04 -10.81
N ALA A 122 6.39 -12.17 -11.43
CA ALA A 122 6.53 -10.73 -11.26
C ALA A 122 6.23 -10.32 -9.82
N MET A 123 5.13 -10.83 -9.28
CA MET A 123 4.67 -10.45 -7.95
C MET A 123 5.67 -10.85 -6.85
N THR A 124 6.45 -11.89 -7.10
CA THR A 124 7.31 -12.41 -6.06
C THR A 124 8.80 -12.12 -6.33
N ALA A 125 9.06 -11.22 -7.28
CA ALA A 125 10.42 -10.79 -7.60
C ALA A 125 11.02 -10.01 -6.45
N VAL A 126 12.31 -10.21 -6.23
CA VAL A 126 12.96 -9.75 -5.00
C VAL A 126 12.90 -8.24 -4.81
N ASP A 127 12.98 -7.48 -5.89
CA ASP A 127 12.97 -6.03 -5.74
C ASP A 127 11.60 -5.51 -5.31
N PHE A 128 10.56 -5.99 -5.98
CA PHE A 128 9.20 -5.60 -5.66
C PHE A 128 8.87 -6.01 -4.23
N GLN A 129 9.25 -7.23 -3.86
CA GLN A 129 9.00 -7.73 -2.51
C GLN A 129 9.72 -6.92 -1.43
N ALA A 130 10.95 -6.51 -1.72
CA ALA A 130 11.72 -5.70 -0.77
C ALA A 130 10.98 -4.40 -0.47
N ASN A 131 10.41 -3.79 -1.51
CA ASN A 131 9.64 -2.56 -1.27
C ASN A 131 8.33 -2.80 -0.55
N LEU A 132 7.65 -3.92 -0.80
CA LEU A 132 6.44 -4.21 -0.03
C LEU A 132 6.79 -4.24 1.45
N LYS A 133 7.86 -4.94 1.80
CA LYS A 133 8.27 -5.09 3.19
C LYS A 133 8.66 -3.76 3.80
N LYS A 134 9.41 -2.97 3.03
CA LYS A 134 9.88 -1.68 3.49
C LYS A 134 8.74 -0.72 3.81
N TYR A 135 7.66 -0.78 3.03
CA TYR A 135 6.53 0.13 3.25
C TYR A 135 5.36 -0.51 4.00
N GLY A 136 5.56 -1.76 4.43
CA GLY A 136 4.61 -2.43 5.30
C GLY A 136 3.24 -2.67 4.68
N ILE A 137 3.20 -2.88 3.37
CA ILE A 137 1.94 -3.10 2.66
C ILE A 137 1.91 -4.44 1.94
N PRO A 138 0.70 -4.97 1.71
CA PRO A 138 0.54 -6.21 0.94
C PRO A 138 0.73 -5.96 -0.55
N GLY A 139 1.10 -7.00 -1.29
CA GLY A 139 1.27 -6.91 -2.72
C GLY A 139 -0.04 -7.10 -3.48
N VAL A 140 -0.75 -6.00 -3.67
CA VAL A 140 -1.97 -5.98 -4.46
C VAL A 140 -1.82 -4.88 -5.50
N VAL A 141 -1.98 -5.26 -6.76
CA VAL A 141 -1.76 -4.33 -7.87
C VAL A 141 -2.89 -4.41 -8.88
N ALA A 142 -3.00 -3.40 -9.75
CA ALA A 142 -3.93 -3.45 -10.86
C ALA A 142 -3.53 -4.57 -11.81
N LEU A 143 -4.52 -5.30 -12.32
CA LEU A 143 -4.27 -6.42 -13.21
C LEU A 143 -3.62 -5.97 -14.53
N TYR A 144 -4.16 -4.90 -15.11
CA TYR A 144 -3.68 -4.44 -16.41
C TYR A 144 -2.83 -3.19 -16.30
N PRO A 145 -1.76 -3.11 -17.11
CA PRO A 145 -0.92 -1.91 -17.04
C PRO A 145 -1.69 -0.69 -17.55
N GLY A 146 -1.27 0.50 -17.16
CA GLY A 146 -1.86 1.72 -17.68
C GLY A 146 -2.38 2.66 -16.61
N GLU A 147 -2.59 3.91 -17.01
CA GLU A 147 -3.04 4.97 -16.12
C GLU A 147 -4.36 4.64 -15.43
N LEU A 148 -5.21 3.88 -16.11
CA LEU A 148 -6.52 3.52 -15.57
C LEU A 148 -6.44 2.79 -14.22
N GLY A 149 -5.34 2.08 -13.98
CA GLY A 149 -5.20 1.34 -12.74
C GLY A 149 -5.09 2.24 -11.52
N ASP A 150 -4.77 3.50 -11.76
CA ASP A 150 -4.64 4.47 -10.67
C ASP A 150 -6.00 4.73 -10.03
N LYS A 151 -7.08 4.32 -10.71
CA LYS A 151 -8.41 4.60 -10.23
C LYS A 151 -8.94 3.47 -9.35
N ILE A 152 -8.13 2.44 -9.20
CA ILE A 152 -8.50 1.29 -8.38
C ILE A 152 -8.01 1.48 -6.95
N GLU A 153 -8.92 1.31 -5.99
CA GLU A 153 -8.56 1.46 -4.58
C GLU A 153 -8.97 0.19 -3.86
N ILE A 154 -8.09 -0.35 -3.03
CA ILE A 154 -8.39 -1.59 -2.32
C ILE A 154 -8.54 -1.37 -0.81
N GLU A 155 -9.61 -1.92 -0.24
CA GLU A 155 -9.83 -1.84 1.19
C GLU A 155 -9.68 -3.24 1.73
N ILE A 156 -8.82 -3.41 2.72
CA ILE A 156 -8.48 -4.74 3.23
C ILE A 156 -8.73 -4.77 4.73
N VAL A 157 -9.47 -5.77 5.18
CA VAL A 157 -9.82 -5.87 6.60
C VAL A 157 -9.57 -7.28 7.16
N SER A 158 -8.77 -7.36 8.21
CA SER A 158 -8.45 -8.63 8.84
C SER A 158 -9.67 -9.18 9.60
N LYS A 159 -9.57 -10.42 10.05
CA LYS A 159 -10.66 -11.03 10.82
C LYS A 159 -10.94 -10.24 12.10
N ALA A 160 -9.89 -9.89 12.84
CA ALA A 160 -10.05 -9.17 14.10
C ALA A 160 -10.74 -7.83 13.87
N ASP A 161 -10.34 -7.14 12.80
CA ASP A 161 -10.88 -5.82 12.52
C ASP A 161 -12.28 -5.87 11.90
N TYR A 162 -12.57 -6.96 11.18
CA TYR A 162 -13.91 -7.16 10.63
C TYR A 162 -14.97 -7.13 11.74
N ALA A 163 -14.67 -7.79 12.85
CA ALA A 163 -15.59 -7.90 13.97
C ALA A 163 -15.97 -6.54 14.54
N LYS A 164 -15.12 -5.55 14.32
CA LYS A 164 -15.31 -4.21 14.88
C LYS A 164 -16.26 -3.37 14.02
N GLY A 165 -16.50 -3.81 12.80
CA GLY A 165 -17.33 -3.06 11.88
C GLY A 165 -16.83 -1.64 11.67
N ALA A 166 -17.75 -0.68 11.67
CA ALA A 166 -17.38 0.70 11.37
C ALA A 166 -16.58 1.37 12.47
N SER A 167 -16.38 0.67 13.58
CA SER A 167 -15.55 1.21 14.67
C SER A 167 -14.07 1.18 14.29
N ALA A 168 -13.73 0.34 13.32
CA ALA A 168 -12.35 0.24 12.86
C ALA A 168 -12.04 1.37 11.90
N LEU A 169 -11.15 2.27 12.30
CA LEU A 169 -10.71 3.33 11.40
C LEU A 169 -9.47 2.84 10.65
N LEU A 170 -9.62 2.62 9.35
CA LEU A 170 -8.55 2.07 8.53
C LEU A 170 -7.59 3.13 8.03
N PRO A 171 -6.28 2.92 8.23
CA PRO A 171 -5.32 3.89 7.71
C PRO A 171 -5.29 3.84 6.18
N ILE A 172 -5.08 4.99 5.55
CA ILE A 172 -5.01 5.07 4.09
C ILE A 172 -3.55 5.22 3.65
N TYR A 173 -3.11 4.31 2.79
CA TYR A 173 -1.72 4.28 2.33
C TYR A 173 -1.66 4.62 0.86
N PRO A 174 -0.65 5.39 0.43
CA PRO A 174 0.41 5.97 1.26
C PRO A 174 0.10 7.38 1.75
N GLY A 175 -1.06 7.91 1.37
CA GLY A 175 -1.38 9.31 1.61
C GLY A 175 -1.54 9.75 3.06
N GLY A 176 -2.12 8.89 3.88
CA GLY A 176 -2.40 9.22 5.26
C GLY A 176 -3.88 9.40 5.57
N GLY A 177 -4.20 9.59 6.84
CA GLY A 177 -5.58 9.74 7.28
C GLY A 177 -6.22 8.38 7.51
N THR A 178 -7.49 8.39 7.93
CA THR A 178 -8.20 7.13 8.13
C THR A 178 -9.59 7.17 7.51
N ARG A 179 -10.22 6.00 7.39
CA ARG A 179 -11.60 5.94 6.95
C ARG A 179 -12.30 4.78 7.64
N ALA A 180 -13.53 5.01 8.10
CA ALA A 180 -14.29 3.93 8.74
C ALA A 180 -14.40 2.70 7.84
N SER A 181 -14.14 1.52 8.40
CA SER A 181 -14.27 0.28 7.64
C SER A 181 -15.70 0.04 7.18
N THR A 182 -15.84 -0.45 5.94
CA THR A 182 -17.12 -0.82 5.36
C THR A 182 -17.31 -2.33 5.26
N ALA A 183 -16.32 -3.10 5.69
CA ALA A 183 -16.34 -4.54 5.45
C ALA A 183 -17.60 -5.23 5.99
N LYS A 184 -18.02 -4.87 7.20
CA LYS A 184 -19.18 -5.51 7.80
C LYS A 184 -20.48 -5.06 7.10
N ALA A 185 -20.47 -3.87 6.51
CA ALA A 185 -21.64 -3.39 5.79
C ALA A 185 -21.76 -4.06 4.42
N VAL A 186 -20.61 -4.36 3.81
CA VAL A 186 -20.54 -4.89 2.45
C VAL A 186 -20.66 -6.42 2.35
N PHE A 187 -20.09 -7.14 3.33
CA PHE A 187 -20.14 -8.61 3.34
C PHE A 187 -21.21 -9.18 4.25
N GLY A 188 -21.83 -10.28 3.85
CA GLY A 188 -22.74 -10.95 4.76
C GLY A 188 -21.95 -11.80 5.75
N TYR A 189 -20.81 -12.29 5.28
CA TYR A 189 -19.98 -13.29 5.96
CA TYR A 189 -19.99 -13.15 6.11
C TYR A 189 -18.53 -12.77 6.00
N GLY A 190 -17.85 -12.89 7.13
CA GLY A 190 -16.50 -12.35 7.24
C GLY A 190 -15.38 -13.39 7.19
N PRO A 191 -14.13 -12.94 7.35
CA PRO A 191 -12.99 -13.85 7.44
C PRO A 191 -13.26 -14.93 8.48
N GLN A 192 -12.90 -16.17 8.18
CA GLN A 192 -13.19 -17.28 9.08
C GLN A 192 -11.95 -17.76 9.83
N THR A 193 -10.77 -17.28 9.44
CA THR A 193 -9.53 -17.59 10.15
C THR A 193 -8.68 -16.34 10.20
N ASP A 194 -7.61 -16.38 10.99
CA ASP A 194 -6.73 -15.21 11.11
C ASP A 194 -5.76 -15.10 9.93
N SER A 195 -5.90 -16.00 8.97
CA SER A 195 -5.18 -15.85 7.71
C SER A 195 -6.10 -15.26 6.64
N GLN A 196 -7.35 -14.96 7.00
CA GLN A 196 -8.29 -14.45 5.99
C GLN A 196 -8.57 -12.96 6.09
N TYR A 197 -8.81 -12.34 4.93
CA TYR A 197 -8.95 -10.89 4.83
C TYR A 197 -10.08 -10.56 3.87
N ALA A 198 -10.95 -9.65 4.28
CA ALA A 198 -11.99 -9.15 3.39
C ALA A 198 -11.37 -8.12 2.49
N ILE A 199 -11.51 -8.31 1.18
CA ILE A 199 -10.90 -7.40 0.21
C ILE A 199 -11.98 -6.76 -0.64
N ILE A 200 -12.00 -5.44 -0.64
CA ILE A 200 -12.98 -4.69 -1.43
C ILE A 200 -12.25 -3.86 -2.48
N VAL A 201 -12.57 -4.10 -3.75
CA VAL A 201 -11.97 -3.37 -4.85
C VAL A 201 -12.97 -2.33 -5.35
N ARG A 202 -12.60 -1.05 -5.30
CA ARG A 202 -13.43 0.02 -5.84
C ARG A 202 -12.79 0.69 -7.04
N ARG A 203 -13.61 1.07 -8.02
CA ARG A 203 -13.18 1.93 -9.11
C ARG A 203 -14.26 2.99 -9.33
N ASN A 204 -13.89 4.27 -9.29
N ASN A 204 -13.88 4.27 -9.27
CA ASN A 204 -14.85 5.35 -9.47
CA ASN A 204 -14.81 5.36 -9.43
C ASN A 204 -16.07 5.26 -8.54
C ASN A 204 -16.06 5.25 -8.54
N ASP A 205 -15.83 5.13 -7.24
CA ASP A 205 -16.90 5.07 -6.25
C ASP A 205 -17.80 3.84 -6.33
N ALA A 206 -17.38 2.84 -7.09
CA ALA A 206 -18.17 1.63 -7.19
C ALA A 206 -17.37 0.40 -6.80
N ILE A 207 -17.92 -0.40 -5.90
CA ILE A 207 -17.34 -1.71 -5.63
C ILE A 207 -17.47 -2.58 -6.87
N VAL A 208 -16.33 -2.97 -7.44
CA VAL A 208 -16.33 -3.83 -8.62
C VAL A 208 -16.05 -5.29 -8.25
N GLN A 209 -15.54 -5.50 -7.05
CA GLN A 209 -15.30 -6.86 -6.56
C GLN A 209 -15.15 -6.83 -5.06
N SER A 210 -15.65 -7.87 -4.40
CA SER A 210 -15.49 -7.98 -2.96
C SER A 210 -15.44 -9.45 -2.60
N VAL A 211 -14.36 -9.84 -1.91
CA VAL A 211 -14.13 -11.26 -1.62
C VAL A 211 -13.20 -11.44 -0.42
N VAL A 212 -13.45 -12.51 0.35
CA VAL A 212 -12.55 -12.91 1.44
C VAL A 212 -11.57 -13.97 0.92
N LEU A 213 -10.27 -13.67 1.07
CA LEU A 213 -9.22 -14.56 0.59
C LEU A 213 -8.27 -14.86 1.72
N SER A 214 -7.44 -15.89 1.55
CA SER A 214 -6.59 -16.35 2.62
C SER A 214 -5.12 -16.32 2.24
N THR A 215 -4.25 -16.05 3.21
CA THR A 215 -2.81 -16.11 2.98
C THR A 215 -2.27 -17.50 3.28
N LYS A 216 -3.15 -18.43 3.66
CA LYS A 216 -2.72 -19.79 3.98
C LYS A 216 -3.11 -20.80 2.90
N ARG A 217 -2.11 -21.51 2.36
CA ARG A 217 -2.38 -22.53 1.35
C ARG A 217 -3.41 -23.52 1.86
N GLY A 218 -4.32 -23.92 0.99
CA GLY A 218 -5.29 -24.95 1.33
C GLY A 218 -6.59 -24.49 1.96
N GLY A 219 -6.68 -23.21 2.34
CA GLY A 219 -7.91 -22.71 2.94
C GLY A 219 -8.99 -22.46 1.90
N LYS A 220 -10.24 -22.69 2.25
CA LYS A 220 -11.33 -22.72 1.29
C LYS A 220 -12.54 -21.97 1.81
N ASP A 221 -13.44 -21.59 0.90
CA ASP A 221 -14.68 -20.97 1.35
C ASP A 221 -15.69 -22.07 1.74
N ILE A 222 -16.90 -21.67 2.09
CA ILE A 222 -17.90 -22.60 2.58
C ILE A 222 -18.36 -23.60 1.51
N TYR A 223 -18.02 -23.33 0.25
CA TYR A 223 -18.33 -24.20 -0.87
C TYR A 223 -17.09 -24.96 -1.33
N ASP A 224 -16.08 -25.00 -0.45
CA ASP A 224 -14.83 -25.72 -0.72
C ASP A 224 -14.05 -25.16 -1.91
N SER A 225 -14.34 -23.91 -2.27
CA SER A 225 -13.58 -23.23 -3.33
C SER A 225 -12.27 -22.68 -2.79
N ASN A 226 -11.21 -22.82 -3.58
CA ASN A 226 -9.86 -22.39 -3.18
C ASN A 226 -9.80 -20.87 -3.02
N ILE A 227 -9.50 -20.39 -1.82
CA ILE A 227 -9.36 -18.94 -1.61
C ILE A 227 -7.95 -18.50 -1.21
N TYR A 228 -6.97 -19.38 -1.35
CA TYR A 228 -5.60 -18.98 -1.14
C TYR A 228 -5.23 -17.95 -2.20
N ILE A 229 -4.70 -16.81 -1.78
CA ILE A 229 -4.50 -15.66 -2.66
C ILE A 229 -3.86 -15.95 -4.02
N ASP A 230 -2.67 -16.55 -4.02
CA ASP A 230 -1.93 -16.71 -5.26
C ASP A 230 -2.69 -17.62 -6.23
N ASP A 231 -3.31 -18.67 -5.70
CA ASP A 231 -4.13 -19.56 -6.52
C ASP A 231 -5.33 -18.85 -7.11
N PHE A 232 -6.04 -18.10 -6.28
CA PHE A 232 -7.26 -17.42 -6.69
C PHE A 232 -6.99 -16.55 -7.90
N PHE A 233 -5.89 -15.80 -7.84
CA PHE A 233 -5.56 -14.87 -8.90
C PHE A 233 -4.94 -15.54 -10.11
N ALA A 234 -4.11 -16.55 -9.89
CA ALA A 234 -3.51 -17.28 -10.99
C ALA A 234 -4.59 -17.93 -11.86
N LYS A 235 -5.68 -18.33 -11.22
CA LYS A 235 -6.77 -19.01 -11.92
C LYS A 235 -7.79 -18.06 -12.53
N GLY A 236 -7.50 -16.76 -12.48
CA GLY A 236 -8.36 -15.77 -13.13
C GLY A 236 -9.52 -15.31 -12.28
N GLY A 237 -9.32 -15.25 -10.97
CA GLY A 237 -10.37 -14.87 -10.05
C GLY A 237 -10.76 -13.41 -10.09
N SER A 238 -9.92 -12.57 -10.70
CA SER A 238 -10.22 -11.15 -10.80
C SER A 238 -9.99 -10.56 -12.18
N GLU A 239 -10.86 -9.62 -12.57
CA GLU A 239 -10.69 -8.86 -13.80
C GLU A 239 -10.05 -7.51 -13.51
N TYR A 240 -9.76 -7.23 -12.24
CA TYR A 240 -9.33 -5.89 -11.84
C TYR A 240 -7.96 -5.83 -11.17
N ILE A 241 -7.66 -6.78 -10.29
CA ILE A 241 -6.42 -6.75 -9.54
C ILE A 241 -5.69 -8.08 -9.55
N PHE A 242 -4.44 -8.06 -9.12
CA PHE A 242 -3.67 -9.29 -8.92
C PHE A 242 -2.95 -9.15 -7.60
N ALA A 243 -2.71 -10.26 -6.91
CA ALA A 243 -2.08 -10.19 -5.61
C ALA A 243 -1.27 -11.43 -5.27
N THR A 244 -0.44 -11.29 -4.25
CA THR A 244 0.31 -12.42 -3.71
C THR A 244 0.19 -12.42 -2.18
N ALA A 245 0.26 -13.61 -1.60
CA ALA A 245 0.31 -13.73 -0.14
C ALA A 245 1.72 -13.44 0.41
N GLN A 246 2.72 -13.43 -0.46
CA GLN A 246 4.09 -13.27 0.03
C GLN A 246 4.27 -11.87 0.61
N ASN A 247 4.75 -11.82 1.84
CA ASN A 247 4.95 -10.55 2.56
C ASN A 247 3.68 -9.76 2.81
N TRP A 248 2.54 -10.45 2.76
CA TRP A 248 1.29 -9.87 3.20
C TRP A 248 1.42 -9.69 4.72
N PRO A 249 1.34 -8.44 5.21
CA PRO A 249 1.56 -8.25 6.65
C PRO A 249 0.48 -8.95 7.47
N GLU A 250 0.90 -9.77 8.43
CA GLU A 250 -0.04 -10.50 9.27
C GLU A 250 -0.98 -9.53 9.98
N GLY A 251 -2.28 -9.70 9.75
CA GLY A 251 -3.27 -8.88 10.44
C GLY A 251 -3.43 -7.51 9.83
N PHE A 252 -2.93 -7.34 8.61
CA PHE A 252 -3.06 -6.05 7.93
C PHE A 252 -4.51 -5.66 7.74
N SER A 253 -4.83 -4.41 8.08
CA SER A 253 -6.07 -3.78 7.67
C SER A 253 -5.75 -2.36 7.22
N GLY A 254 -6.33 -1.93 6.11
CA GLY A 254 -5.99 -0.63 5.59
C GLY A 254 -6.53 -0.43 4.20
N ILE A 255 -6.39 0.79 3.70
CA ILE A 255 -6.86 1.14 2.37
C ILE A 255 -5.64 1.45 1.51
N LEU A 256 -5.57 0.82 0.34
CA LEU A 256 -4.45 1.00 -0.58
C LEU A 256 -4.84 1.85 -1.77
N THR A 257 -4.17 2.98 -1.93
CA THR A 257 -4.28 3.80 -3.12
C THR A 257 -3.19 3.30 -4.08
N LEU A 258 -3.56 2.99 -5.32
CA LEU A 258 -2.58 2.52 -6.29
C LEU A 258 -2.19 3.66 -7.22
N SER A 259 -0.94 3.67 -7.65
CA SER A 259 -0.51 4.70 -8.59
C SER A 259 0.69 4.23 -9.37
N GLY A 260 1.14 5.08 -10.30
CA GLY A 260 2.29 4.78 -11.12
C GLY A 260 1.93 4.01 -12.37
N GLY A 261 0.63 3.87 -12.62
CA GLY A 261 0.13 3.20 -13.82
C GLY A 261 0.61 3.94 -15.05
N LEU A 262 1.12 3.20 -16.03
CA LEU A 262 1.64 3.81 -17.25
C LEU A 262 1.43 2.92 -18.45
N SER A 263 1.09 3.53 -19.58
CA SER A 263 0.83 2.79 -20.81
C SER A 263 2.00 2.85 -21.77
N SER A 264 2.19 1.78 -22.53
CA SER A 264 3.03 1.84 -23.71
C SER A 264 2.21 2.55 -24.77
N ASN A 265 2.73 3.67 -25.27
CA ASN A 265 1.97 4.51 -26.21
C ASN A 265 1.28 3.70 -27.31
N ALA A 266 2.01 2.80 -27.94
CA ALA A 266 1.50 2.04 -29.08
C ALA A 266 0.36 1.09 -28.72
N GLU A 267 0.24 0.76 -27.43
CA GLU A 267 -0.72 -0.26 -26.98
C GLU A 267 -2.08 0.33 -26.62
N VAL A 268 -2.13 1.64 -26.41
CA VAL A 268 -3.38 2.28 -26.01
C VAL A 268 -4.42 2.26 -27.15
N THR A 269 -5.65 1.93 -26.81
CA THR A 269 -6.74 1.90 -27.78
C THR A 269 -7.76 3.00 -27.48
N ALA A 270 -8.58 3.32 -28.47
CA ALA A 270 -9.68 4.26 -28.22
C ALA A 270 -10.58 3.71 -27.10
N GLY A 271 -10.66 2.40 -26.98
CA GLY A 271 -11.45 1.79 -25.92
C GLY A 271 -10.94 2.15 -24.54
N ASP A 272 -9.61 2.22 -24.40
CA ASP A 272 -9.01 2.57 -23.12
C ASP A 272 -9.40 3.99 -22.77
N LEU A 273 -9.47 4.85 -23.78
CA LEU A 273 -9.86 6.24 -23.56
C LEU A 273 -11.32 6.31 -23.13
N MET A 274 -12.18 5.55 -23.79
CA MET A 274 -13.59 5.54 -23.40
C MET A 274 -13.73 5.11 -21.95
N GLU A 275 -12.96 4.10 -21.55
CA GLU A 275 -13.05 3.54 -20.20
C GLU A 275 -12.51 4.54 -19.17
N ALA A 276 -11.70 5.49 -19.63
CA ALA A 276 -11.14 6.51 -18.77
C ALA A 276 -11.98 7.79 -18.76
N TRP A 277 -13.02 7.82 -19.59
CA TRP A 277 -13.76 9.05 -19.85
C TRP A 277 -14.34 9.76 -18.63
N ASP A 278 -14.44 9.06 -17.51
CA ASP A 278 -15.03 9.65 -16.30
C ASP A 278 -14.06 10.60 -15.59
C ACT B . -16.04 4.89 1.10
C ACT B . -15.98 4.84 1.36
O ACT B . -16.61 5.90 0.66
O ACT B . -16.60 5.53 2.19
OXT ACT B . -15.38 4.23 0.27
OXT ACT B . -15.44 3.80 1.79
CH3 ACT B . -16.12 4.51 2.55
CH3 ACT B . -15.87 5.25 -0.09
#